data_2V3L
#
_entry.id   2V3L
#
_cell.length_a   1.000
_cell.length_b   1.000
_cell.length_c   1.000
_cell.angle_alpha   90.00
_cell.angle_beta   90.00
_cell.angle_gamma   90.00
#
_symmetry.space_group_name_H-M   'P 1'
#
loop_
_entity.id
_entity.type
_entity.pdbx_description
1 polymer "5'-D(*GP*AP*AP*TP*GP*GP*CP*GP*AP*AP *TP*GP*GP*CP*GP*CP*TP*TP*TP*G)-3'"
2 polymer "5'-D(*CP*AP*AP*AP*GP*CP*GP*CP*CP*AP *TP*TP*CP*GP*CP*CP*AP*TP*TP*C)-3'"
3 non-polymer 'RHODAMINE 6G'
#
loop_
_entity_poly.entity_id
_entity_poly.type
_entity_poly.pdbx_seq_one_letter_code
_entity_poly.pdbx_strand_id
1 'polydeoxyribonucleotide' (DG)(DA)(DA)(DT)(DG)(DG)(DC)(DG)(DA)(DA)(DT)(DG)(DG)(DC)(DG)(DC)(DT)(DT)(DT)(DG) A
2 'polydeoxyribonucleotide' (DC)(DA)(DA)(DA)(DG)(DC)(DG)(DC)(DC)(DA)(DT)(DT)(DC)(DG)(DC)(DC)(DA)(DT)(DT)(DC) B
#